data_3S6D
#
_entry.id   3S6D
#
_cell.length_a   130.070
_cell.length_b   42.460
_cell.length_c   50.210
_cell.angle_alpha   90.000
_cell.angle_beta   90.000
_cell.angle_gamma   90.000
#
_symmetry.space_group_name_H-M   'P 21 21 2'
#
loop_
_entity.id
_entity.type
_entity.pdbx_description
1 polymer 'Putative triosephosphate isomerase'
2 non-polymer 'SODIUM ION'
3 water water
#
_entity_poly.entity_id   1
_entity_poly.type   'polypeptide(L)'
_entity_poly.pdbx_seq_one_letter_code
;MAHHHHHHMGTLEAQTQGPGSMASALAGPRFPPLPKTLLIISLKMYFTPSRTIDYIQGLLEPRNDIIRQENRSRLLLALI
PDFLTIYPCSEAIKEFESNLAAPQDADTPPPLLLGAQDCFWDSLGPYTGEISPVCLRDMNVSIVELGHAERRAIFGETDQ
QVARKAAAAADQGLIPLVCIGEVSTLGPIVSEAIGRAVGECEAQIRPVLEALPRDAPVIFAYEPVWAIGKPQPARVDHVG
AVVSGIRSVIERIDRHRKGEVRILYGGSAGPGLWGPGGLGKEVDGMFLGRFAHDIEGVRKVVREVEESLR
;
_entity_poly.pdbx_strand_id   A
#
# COMPACT_ATOMS: atom_id res chain seq x y z
N PRO A 29 6.85 19.84 5.19
CA PRO A 29 6.77 18.39 5.04
C PRO A 29 6.42 17.64 6.33
N ARG A 30 5.12 17.57 6.63
CA ARG A 30 4.62 16.74 7.73
C ARG A 30 4.71 15.25 7.32
N PHE A 31 4.74 15.00 6.02
CA PHE A 31 4.76 13.64 5.47
C PHE A 31 5.94 13.39 4.52
N PRO A 32 6.39 12.12 4.43
CA PRO A 32 7.37 11.73 3.42
C PRO A 32 6.83 12.03 2.00
N PRO A 33 7.68 12.53 1.09
CA PRO A 33 7.23 12.69 -0.29
C PRO A 33 7.09 11.31 -0.94
N LEU A 34 6.12 11.18 -1.84
CA LEU A 34 5.85 9.89 -2.48
C LEU A 34 6.53 9.84 -3.84
N PRO A 35 7.38 8.82 -4.06
CA PRO A 35 7.99 8.59 -5.39
C PRO A 35 6.92 8.21 -6.42
N LYS A 36 7.30 8.21 -7.69
CA LYS A 36 6.32 7.89 -8.73
C LYS A 36 5.89 6.42 -8.70
N THR A 37 6.76 5.54 -8.18
CA THR A 37 6.47 4.12 -8.16
C THR A 37 6.66 3.50 -6.81
N LEU A 38 5.63 2.76 -6.43
CA LEU A 38 5.54 2.15 -5.11
C LEU A 38 5.40 0.64 -5.25
N LEU A 39 6.25 -0.11 -4.58
CA LEU A 39 6.11 -1.55 -4.54
C LEU A 39 5.86 -1.96 -3.10
N ILE A 40 4.86 -2.78 -2.89
CA ILE A 40 4.46 -3.13 -1.55
C ILE A 40 4.52 -4.62 -1.33
N ILE A 41 5.19 -5.02 -0.24
CA ILE A 41 5.16 -6.41 0.20
C ILE A 41 4.41 -6.54 1.53
N SER A 42 3.20 -7.07 1.47
CA SER A 42 2.46 -7.38 2.66
C SER A 42 2.59 -8.86 2.94
N LEU A 43 3.07 -9.19 4.13
CA LEU A 43 3.23 -10.58 4.54
C LEU A 43 1.94 -11.20 5.07
N LYS A 44 0.89 -10.41 5.17
CA LYS A 44 -0.34 -10.86 5.77
C LYS A 44 -0.04 -11.61 7.08
N MET A 45 -0.65 -12.79 7.26
CA MET A 45 -0.44 -13.57 8.47
C MET A 45 0.25 -14.87 8.06
N TYR A 46 1.12 -14.76 7.05
CA TYR A 46 1.81 -15.92 6.49
C TYR A 46 3.13 -16.31 7.17
N PHE A 47 3.84 -15.33 7.73
CA PHE A 47 5.23 -15.51 8.17
C PHE A 47 5.38 -15.67 9.68
N THR A 48 6.29 -16.57 10.08
CA THR A 48 6.73 -16.66 11.47
C THR A 48 7.73 -15.53 11.69
N PRO A 49 8.03 -15.18 12.94
CA PRO A 49 8.97 -14.11 13.27
C PRO A 49 10.38 -14.29 12.71
N SER A 50 11.01 -15.42 12.96
CA SER A 50 12.33 -15.73 12.36
C SER A 50 12.35 -15.63 10.82
N ARG A 51 11.26 -15.99 10.16
CA ARG A 51 11.20 -15.89 8.70
C ARG A 51 11.11 -14.41 8.26
N THR A 52 10.34 -13.63 9.01
CA THR A 52 10.26 -12.17 8.81
C THR A 52 11.58 -11.44 9.06
N ILE A 53 12.27 -11.77 10.14
CA ILE A 53 13.60 -11.20 10.36
C ILE A 53 14.58 -11.56 9.23
N ASP A 54 14.60 -12.83 8.81
CA ASP A 54 15.53 -13.28 7.74
C ASP A 54 15.18 -12.54 6.44
N TYR A 55 13.87 -12.31 6.25
CA TYR A 55 13.35 -11.76 5.04
C TYR A 55 13.74 -10.31 4.88
N ILE A 56 13.50 -9.51 5.91
CA ILE A 56 13.87 -8.13 5.81
C ILE A 56 15.40 -7.99 5.75
N GLN A 57 16.13 -8.86 6.45
CA GLN A 57 17.60 -8.82 6.31
C GLN A 57 18.03 -9.17 4.88
N GLY A 58 17.23 -9.98 4.17
CA GLY A 58 17.50 -10.33 2.75
C GLY A 58 17.24 -9.11 1.85
N LEU A 59 16.18 -8.37 2.16
CA LEU A 59 15.80 -7.20 1.36
C LEU A 59 16.90 -6.17 1.40
N LEU A 60 17.45 -5.97 2.59
CA LEU A 60 18.47 -4.96 2.81
C LEU A 60 19.85 -5.41 2.32
N GLU A 61 20.13 -6.71 2.38
CA GLU A 61 21.44 -7.25 1.94
C GLU A 61 21.92 -6.69 0.58
N PRO A 62 23.07 -5.98 0.57
CA PRO A 62 23.49 -5.33 -0.68
C PRO A 62 23.81 -6.30 -1.82
N ARG A 63 24.26 -7.51 -1.48
CA ARG A 63 24.59 -8.53 -2.49
C ARG A 63 23.34 -9.04 -3.16
N ASN A 64 22.18 -8.79 -2.54
CA ASN A 64 20.89 -9.17 -3.10
C ASN A 64 20.38 -8.16 -4.14
N ASP A 65 21.00 -6.99 -4.20
CA ASP A 65 20.79 -6.03 -5.29
C ASP A 65 19.30 -5.78 -5.49
N ILE A 66 18.61 -5.48 -4.41
CA ILE A 66 17.17 -5.21 -4.48
C ILE A 66 16.98 -3.72 -4.26
N ILE A 67 17.80 -3.17 -3.36
CA ILE A 67 17.67 -1.78 -2.97
C ILE A 67 18.88 -1.07 -3.55
N ARG A 68 18.68 -0.33 -4.63
CA ARG A 68 19.77 0.40 -5.27
C ARG A 68 19.68 1.89 -4.97
N GLN A 69 20.81 2.49 -4.60
CA GLN A 69 20.91 3.96 -4.44
C GLN A 69 20.41 4.70 -5.68
N GLU A 70 20.67 4.15 -6.87
CA GLU A 70 20.24 4.81 -8.09
C GLU A 70 18.73 4.81 -8.30
N ASN A 71 18.02 3.99 -7.53
CA ASN A 71 16.56 3.94 -7.63
C ASN A 71 15.86 4.89 -6.67
N ARG A 72 16.64 5.46 -5.75
CA ARG A 72 16.07 6.11 -4.53
C ARG A 72 14.87 7.03 -4.77
N SER A 73 14.93 7.87 -5.79
CA SER A 73 13.97 8.95 -6.00
C SER A 73 12.82 8.60 -6.95
N ARG A 74 12.80 7.36 -7.43
CA ARG A 74 11.83 6.97 -8.47
C ARG A 74 11.06 5.75 -8.04
N LEU A 75 11.72 4.90 -7.27
CA LEU A 75 11.14 3.64 -6.87
C LEU A 75 11.38 3.34 -5.40
N LEU A 76 10.29 3.02 -4.73
CA LEU A 76 10.32 2.72 -3.31
C LEU A 76 9.61 1.41 -3.00
N LEU A 77 10.26 0.60 -2.16
CA LEU A 77 9.72 -0.62 -1.57
C LEU A 77 9.16 -0.41 -0.15
N ALA A 78 7.96 -0.93 0.12
CA ALA A 78 7.46 -1.01 1.48
C ALA A 78 7.32 -2.47 1.88
N LEU A 79 7.82 -2.80 3.06
CA LEU A 79 7.51 -4.08 3.70
C LEU A 79 6.40 -3.90 4.72
N ILE A 80 5.39 -4.75 4.64
CA ILE A 80 4.31 -4.70 5.61
C ILE A 80 4.16 -6.03 6.41
N PRO A 81 5.00 -6.20 7.46
CA PRO A 81 4.94 -7.41 8.30
C PRO A 81 3.71 -7.37 9.25
N ASP A 82 3.51 -8.46 10.00
CA ASP A 82 2.51 -8.49 11.07
C ASP A 82 2.99 -7.64 12.24
N PHE A 83 2.07 -7.28 13.14
CA PHE A 83 2.37 -6.34 14.23
C PHE A 83 3.54 -6.79 15.09
N LEU A 84 3.68 -8.10 15.32
CA LEU A 84 4.70 -8.63 16.25
C LEU A 84 6.15 -8.39 15.82
N THR A 85 6.35 -8.25 14.51
CA THR A 85 7.70 -8.12 13.96
C THR A 85 8.00 -6.71 13.44
N ILE A 86 7.08 -5.79 13.66
CA ILE A 86 7.34 -4.38 13.33
C ILE A 86 8.55 -3.87 14.13
N TYR A 87 8.66 -4.28 15.39
CA TYR A 87 9.75 -3.80 16.23
C TYR A 87 11.13 -4.28 15.71
N PRO A 88 11.35 -5.62 15.61
CA PRO A 88 12.64 -6.07 15.08
C PRO A 88 12.88 -5.72 13.61
N CYS A 89 11.81 -5.56 12.83
CA CYS A 89 11.91 -5.00 11.47
C CYS A 89 12.45 -3.59 11.51
N SER A 90 11.87 -2.76 12.36
CA SER A 90 12.33 -1.39 12.55
C SER A 90 13.78 -1.33 13.02
N GLU A 91 14.13 -2.26 13.90
CA GLU A 91 15.48 -2.35 14.42
C GLU A 91 16.50 -2.74 13.34
N ALA A 92 16.09 -3.66 12.47
CA ALA A 92 16.93 -4.09 11.36
C ALA A 92 17.20 -2.94 10.38
N ILE A 93 16.16 -2.16 10.07
CA ILE A 93 16.30 -1.01 9.16
C ILE A 93 17.28 0.02 9.73
N LYS A 94 17.08 0.39 10.99
CA LYS A 94 18.00 1.26 11.71
C LYS A 94 19.45 0.79 11.68
N GLU A 95 19.66 -0.48 11.99
CA GLU A 95 21.01 -1.01 12.06
C GLU A 95 21.68 -0.87 10.70
N PHE A 96 20.90 -1.09 9.63
CA PHE A 96 21.41 -0.96 8.27
C PHE A 96 21.72 0.48 7.91
N GLU A 97 20.87 1.41 8.35
CA GLU A 97 21.11 2.83 8.13
C GLU A 97 22.34 3.35 8.84
N SER A 98 22.72 2.73 9.95
CA SER A 98 23.89 3.15 10.71
C SER A 98 25.19 2.70 10.05
N ASN A 99 25.09 1.87 9.01
CA ASN A 99 26.25 1.46 8.21
C ASN A 99 26.75 2.59 7.33
N LEU A 100 25.90 3.59 7.11
CA LEU A 100 26.23 4.75 6.29
C LEU A 100 26.10 6.01 7.11
N ALA A 101 26.65 7.12 6.61
CA ALA A 101 26.48 8.43 7.22
C ALA A 101 25.05 8.94 7.01
N ALA A 102 24.56 9.78 7.93
CA ALA A 102 23.27 10.46 7.75
C ALA A 102 23.42 11.59 6.73
N PRO A 109 15.11 9.88 1.08
CA PRO A 109 14.38 8.62 1.05
C PRO A 109 15.02 7.57 2.00
N PRO A 110 14.21 6.94 2.90
CA PRO A 110 14.71 5.76 3.65
C PRO A 110 14.92 4.58 2.71
N PRO A 111 15.80 3.62 3.07
CA PRO A 111 16.07 2.55 2.10
C PRO A 111 14.81 1.73 1.80
N LEU A 112 13.87 1.71 2.75
CA LEU A 112 12.76 0.77 2.73
C LEU A 112 11.72 1.39 3.66
N LEU A 113 10.47 1.43 3.23
CA LEU A 113 9.41 1.87 4.13
C LEU A 113 8.89 0.68 4.93
N LEU A 114 8.48 0.95 6.16
CA LEU A 114 7.86 -0.02 7.03
C LEU A 114 6.38 0.36 7.22
N GLY A 115 5.49 -0.59 6.94
CA GLY A 115 4.07 -0.41 7.10
C GLY A 115 3.51 -1.31 8.20
N ALA A 116 2.25 -1.04 8.59
CA ALA A 116 1.47 -1.95 9.39
C ALA A 116 0.28 -2.34 8.57
N GLN A 117 -0.34 -3.47 8.91
CA GLN A 117 -1.50 -3.98 8.15
C GLN A 117 -2.86 -3.46 8.62
N ASP A 118 -2.88 -2.67 9.69
CA ASP A 118 -4.12 -2.11 10.20
C ASP A 118 -3.77 -1.20 11.37
N CYS A 119 -4.74 -0.41 11.81
CA CYS A 119 -4.63 0.35 13.04
C CYS A 119 -5.97 0.73 13.57
N PHE A 120 -5.98 1.24 14.80
CA PHE A 120 -7.21 1.72 15.37
C PHE A 120 -7.51 3.19 15.00
N TRP A 121 -8.77 3.61 15.18
CA TRP A 121 -9.16 4.96 14.84
C TRP A 121 -9.06 5.95 16.01
N ASP A 122 -8.22 5.66 17.01
CA ASP A 122 -8.00 6.62 18.09
C ASP A 122 -6.53 6.57 18.46
N SER A 123 -6.03 7.58 19.18
CA SER A 123 -4.59 7.68 19.49
C SER A 123 -4.14 6.66 20.53
N LEU A 124 -4.76 6.68 21.71
CA LEU A 124 -4.43 5.79 22.83
C LEU A 124 -5.72 5.58 23.60
N GLY A 125 -5.86 4.48 24.35
CA GLY A 125 -7.07 4.25 25.15
C GLY A 125 -7.50 2.81 25.44
N PRO A 126 -8.75 2.62 25.90
CA PRO A 126 -9.21 1.32 26.39
C PRO A 126 -9.79 0.44 25.28
N TYR A 127 -8.90 -0.02 24.38
CA TYR A 127 -9.29 -0.75 23.17
C TYR A 127 -8.48 -2.03 23.06
N THR A 128 -8.86 -3.01 23.87
CA THR A 128 -8.15 -4.27 23.98
C THR A 128 -7.94 -4.90 22.63
N GLY A 129 -6.70 -5.28 22.35
CA GLY A 129 -6.35 -6.01 21.11
C GLY A 129 -6.10 -5.09 19.94
N GLU A 130 -6.15 -3.78 20.16
CA GLU A 130 -6.02 -2.82 19.06
C GLU A 130 -4.65 -2.13 19.04
N ILE A 131 -4.26 -1.67 17.87
CA ILE A 131 -2.96 -1.09 17.67
C ILE A 131 -3.10 0.41 17.43
N SER A 132 -2.29 1.16 18.15
CA SER A 132 -2.28 2.60 18.13
C SER A 132 -1.35 3.13 17.04
N PRO A 133 -1.85 4.09 16.24
CA PRO A 133 -1.02 4.82 15.26
C PRO A 133 0.08 5.68 15.94
N VAL A 134 -0.18 6.14 17.17
CA VAL A 134 0.87 6.75 17.97
C VAL A 134 2.05 5.82 18.15
N CYS A 135 1.81 4.62 18.67
CA CYS A 135 2.84 3.59 18.84
C CYS A 135 3.50 3.19 17.51
N LEU A 136 2.71 3.08 16.46
CA LEU A 136 3.29 2.76 15.13
C LEU A 136 4.34 3.79 14.70
N ARG A 137 4.03 5.08 14.92
CA ARG A 137 4.90 6.15 14.49
C ARG A 137 6.20 6.13 15.31
N ASP A 138 6.03 5.82 16.61
CA ASP A 138 7.15 5.69 17.55
C ASP A 138 8.08 4.55 17.12
N MET A 139 7.53 3.59 16.37
CA MET A 139 8.35 2.53 15.79
C MET A 139 8.75 2.77 14.32
N ASN A 140 8.66 4.03 13.87
CA ASN A 140 9.15 4.42 12.54
C ASN A 140 8.41 3.68 11.43
N VAL A 141 7.13 3.39 11.68
CA VAL A 141 6.22 2.97 10.61
C VAL A 141 5.89 4.24 9.84
N SER A 142 5.86 4.17 8.51
CA SER A 142 5.52 5.34 7.68
CA SER A 142 5.52 5.35 7.71
C SER A 142 4.16 5.21 7.01
N ILE A 143 3.58 4.02 7.03
CA ILE A 143 2.40 3.74 6.19
C ILE A 143 1.50 2.67 6.84
N VAL A 144 0.19 2.84 6.70
CA VAL A 144 -0.79 1.92 7.27
C VAL A 144 -1.83 1.46 6.25
N GLU A 145 -1.82 0.16 6.02
CA GLU A 145 -2.75 -0.50 5.13
C GLU A 145 -4.09 -0.64 5.85
N LEU A 146 -5.16 -0.22 5.17
CA LEU A 146 -6.49 -0.12 5.78
C LEU A 146 -7.51 -0.61 4.80
N GLY A 147 -8.59 -1.18 5.30
CA GLY A 147 -9.69 -1.64 4.47
C GLY A 147 -9.40 -2.80 3.52
N HIS A 148 -8.30 -3.53 3.78
CA HIS A 148 -8.09 -4.76 3.03
C HIS A 148 -9.39 -5.59 2.85
N ALA A 149 -9.54 -6.20 1.68
CA ALA A 149 -10.69 -7.03 1.31
C ALA A 149 -10.92 -8.14 2.35
N GLU A 150 -9.82 -8.65 2.89
CA GLU A 150 -9.86 -9.72 3.88
C GLU A 150 -10.49 -9.23 5.17
N ARG A 151 -10.21 -8.00 5.56
CA ARG A 151 -10.83 -7.41 6.76
C ARG A 151 -12.29 -7.02 6.52
N ARG A 152 -12.56 -6.49 5.33
CA ARG A 152 -13.93 -6.16 4.97
C ARG A 152 -14.84 -7.41 4.93
N ALA A 153 -14.34 -8.53 4.38
CA ALA A 153 -15.10 -9.79 4.31
C ALA A 153 -15.21 -10.58 5.63
N ILE A 154 -14.10 -10.73 6.35
CA ILE A 154 -14.08 -11.56 7.57
C ILE A 154 -14.70 -10.86 8.77
N PHE A 155 -14.45 -9.56 8.87
CA PHE A 155 -14.77 -8.82 10.07
C PHE A 155 -15.87 -7.80 9.85
N GLY A 156 -16.33 -7.64 8.62
CA GLY A 156 -17.35 -6.65 8.31
C GLY A 156 -16.88 -5.21 8.42
N GLU A 157 -15.58 -5.00 8.30
CA GLU A 157 -15.00 -3.67 8.40
C GLU A 157 -15.68 -2.72 7.38
N THR A 158 -16.13 -1.56 7.85
CA THR A 158 -16.94 -0.66 7.04
C THR A 158 -16.12 0.50 6.48
N ASP A 159 -16.66 1.12 5.42
CA ASP A 159 -16.11 2.37 4.87
C ASP A 159 -15.92 3.48 5.93
N GLN A 160 -16.91 3.67 6.80
CA GLN A 160 -16.79 4.68 7.86
C GLN A 160 -15.58 4.44 8.79
N GLN A 161 -15.41 3.18 9.19
CA GLN A 161 -14.34 2.73 10.04
C GLN A 161 -12.94 2.89 9.40
N VAL A 162 -12.81 2.50 8.14
CA VAL A 162 -11.58 2.71 7.39
C VAL A 162 -11.23 4.20 7.28
N ALA A 163 -12.22 5.02 6.98
CA ALA A 163 -12.07 6.51 6.99
C ALA A 163 -11.57 7.06 8.33
N ARG A 164 -12.18 6.62 9.44
CA ARG A 164 -11.81 7.11 10.78
C ARG A 164 -10.39 6.64 11.09
N LYS A 165 -10.09 5.42 10.66
CA LYS A 165 -8.75 4.81 10.79
C LYS A 165 -7.71 5.62 10.01
N ALA A 166 -8.03 5.96 8.76
CA ALA A 166 -7.17 6.83 7.96
C ALA A 166 -6.90 8.17 8.66
N ALA A 167 -7.97 8.77 9.18
CA ALA A 167 -7.85 10.04 9.89
C ALA A 167 -6.87 9.96 11.08
N ALA A 168 -6.91 8.85 11.82
CA ALA A 168 -6.10 8.68 13.02
C ALA A 168 -4.63 8.39 12.66
N ALA A 169 -4.46 7.65 11.55
CA ALA A 169 -3.15 7.39 11.01
C ALA A 169 -2.53 8.72 10.56
N ALA A 170 -3.33 9.54 9.86
CA ALA A 170 -2.82 10.84 9.38
C ALA A 170 -2.49 11.80 10.52
N ASP A 171 -3.24 11.75 11.61
CA ASP A 171 -2.98 12.56 12.80
C ASP A 171 -1.56 12.30 13.34
N GLN A 172 -1.03 11.09 13.10
CA GLN A 172 0.30 10.72 13.62
C GLN A 172 1.44 10.82 12.57
N GLY A 173 1.12 11.35 11.39
CA GLY A 173 2.06 11.52 10.31
C GLY A 173 2.26 10.23 9.51
N LEU A 174 1.25 9.38 9.54
CA LEU A 174 1.29 8.12 8.81
C LEU A 174 0.50 8.25 7.54
N ILE A 175 1.00 7.63 6.47
CA ILE A 175 0.32 7.68 5.19
C ILE A 175 -0.71 6.56 5.14
N PRO A 176 -1.99 6.91 5.00
CA PRO A 176 -2.99 5.88 4.82
C PRO A 176 -2.83 5.17 3.48
N LEU A 177 -2.87 3.87 3.53
CA LEU A 177 -2.93 3.09 2.30
C LEU A 177 -4.27 2.34 2.29
N VAL A 178 -5.25 2.92 1.62
CA VAL A 178 -6.61 2.38 1.66
C VAL A 178 -6.88 1.45 0.50
N CYS A 179 -7.25 0.20 0.81
CA CYS A 179 -7.65 -0.77 -0.18
C CYS A 179 -9.09 -0.56 -0.64
N ILE A 180 -9.27 -0.50 -1.97
CA ILE A 180 -10.59 -0.21 -2.52
C ILE A 180 -10.89 -1.20 -3.65
N GLY A 181 -12.18 -1.40 -3.97
CA GLY A 181 -12.56 -2.31 -5.03
C GLY A 181 -14.03 -2.62 -5.07
N GLU A 182 -14.54 -3.05 -6.22
CA GLU A 182 -15.99 -3.28 -6.32
C GLU A 182 -16.43 -4.52 -5.52
N VAL A 183 -17.60 -4.43 -4.89
CA VAL A 183 -18.06 -5.46 -3.99
C VAL A 183 -18.93 -6.47 -4.72
N SER A 184 -19.35 -6.13 -5.95
CA SER A 184 -20.27 -6.99 -6.73
C SER A 184 -19.56 -7.68 -7.87
N THR A 185 -20.08 -8.86 -8.21
CA THR A 185 -19.90 -9.44 -9.53
C THR A 185 -20.61 -8.48 -10.47
N LEU A 186 -19.91 -8.12 -11.54
CA LEU A 186 -20.36 -7.12 -12.48
C LEU A 186 -21.14 -7.76 -13.62
N GLY A 187 -22.03 -6.98 -14.21
CA GLY A 187 -22.79 -7.40 -15.39
C GLY A 187 -21.95 -7.50 -16.66
N PRO A 188 -22.58 -7.96 -17.76
CA PRO A 188 -21.89 -8.27 -19.03
C PRO A 188 -21.81 -7.08 -20.00
N ILE A 189 -22.51 -6.00 -19.69
CA ILE A 189 -22.37 -4.79 -20.48
C ILE A 189 -21.23 -3.95 -19.88
N VAL A 190 -20.21 -3.72 -20.69
CA VAL A 190 -18.92 -3.16 -20.21
C VAL A 190 -19.09 -1.79 -19.54
N SER A 191 -19.80 -0.87 -20.20
CA SER A 191 -20.08 0.44 -19.61
C SER A 191 -20.83 0.32 -18.27
N GLU A 192 -21.76 -0.62 -18.19
CA GLU A 192 -22.46 -0.88 -16.92
C GLU A 192 -21.49 -1.37 -15.84
N ALA A 193 -20.65 -2.32 -16.23
CA ALA A 193 -19.67 -2.94 -15.35
C ALA A 193 -18.63 -1.93 -14.87
N ILE A 194 -18.05 -1.17 -15.80
CA ILE A 194 -17.09 -0.14 -15.42
C ILE A 194 -17.74 0.96 -14.58
N GLY A 195 -18.93 1.42 -14.96
CA GLY A 195 -19.77 2.35 -14.17
C GLY A 195 -20.01 1.84 -12.73
N ARG A 196 -20.42 0.58 -12.59
CA ARG A 196 -20.59 0.03 -11.26
C ARG A 196 -19.30 0.02 -10.46
N ALA A 197 -18.25 -0.56 -11.02
CA ALA A 197 -17.01 -0.75 -10.29
C ALA A 197 -16.46 0.58 -9.77
N VAL A 198 -16.46 1.58 -10.63
CA VAL A 198 -15.97 2.92 -10.30
C VAL A 198 -16.84 3.56 -9.21
N GLY A 199 -18.18 3.45 -9.34
CA GLY A 199 -19.12 3.98 -8.36
C GLY A 199 -19.04 3.26 -7.01
N GLU A 200 -18.81 1.94 -7.04
CA GLU A 200 -18.52 1.22 -5.79
C GLU A 200 -17.19 1.69 -5.15
N CYS A 201 -16.15 1.93 -5.95
CA CYS A 201 -14.91 2.55 -5.42
C CYS A 201 -15.16 3.98 -4.87
N GLU A 202 -16.00 4.75 -5.59
CA GLU A 202 -16.40 6.09 -5.11
C GLU A 202 -16.97 6.08 -3.70
N ALA A 203 -17.86 5.14 -3.40
CA ALA A 203 -18.38 5.03 -2.04
C ALA A 203 -17.31 4.72 -0.98
N GLN A 204 -16.19 4.12 -1.38
CA GLN A 204 -15.09 3.80 -0.44
C GLN A 204 -14.09 4.94 -0.29
N ILE A 205 -13.87 5.65 -1.40
CA ILE A 205 -12.98 6.79 -1.45
C ILE A 205 -13.54 8.03 -0.74
N ARG A 206 -14.83 8.32 -0.93
CA ARG A 206 -15.43 9.58 -0.45
C ARG A 206 -15.33 9.79 1.08
N PRO A 207 -15.70 8.77 1.89
CA PRO A 207 -15.60 9.03 3.32
C PRO A 207 -14.17 9.22 3.77
N VAL A 208 -13.21 8.57 3.09
CA VAL A 208 -11.77 8.72 3.40
C VAL A 208 -11.29 10.16 3.11
N LEU A 209 -11.66 10.70 1.95
CA LEU A 209 -11.22 12.04 1.60
C LEU A 209 -11.89 13.11 2.48
N GLU A 210 -13.16 12.89 2.81
CA GLU A 210 -13.87 13.70 3.80
C GLU A 210 -13.21 13.72 5.17
N ALA A 211 -12.72 12.57 5.65
CA ALA A 211 -12.12 12.49 6.99
C ALA A 211 -10.65 12.98 7.04
N LEU A 212 -9.94 12.87 5.93
CA LEU A 212 -8.54 13.29 5.88
C LEU A 212 -8.36 14.78 5.70
N PRO A 213 -7.28 15.32 6.30
CA PRO A 213 -6.90 16.69 5.93
C PRO A 213 -6.58 16.76 4.45
N ARG A 214 -6.85 17.90 3.84
CA ARG A 214 -6.65 18.06 2.41
C ARG A 214 -5.19 18.00 1.99
N ASP A 215 -4.30 18.33 2.93
CA ASP A 215 -2.85 18.26 2.72
C ASP A 215 -2.18 16.93 3.12
N ALA A 216 -2.94 15.98 3.63
CA ALA A 216 -2.36 14.66 3.92
C ALA A 216 -2.41 13.79 2.67
N PRO A 217 -1.30 13.06 2.38
CA PRO A 217 -1.25 12.18 1.23
C PRO A 217 -2.05 10.93 1.51
N VAL A 218 -2.57 10.32 0.45
CA VAL A 218 -3.28 9.09 0.56
C VAL A 218 -2.90 8.19 -0.63
N ILE A 219 -2.80 6.88 -0.37
CA ILE A 219 -2.56 5.90 -1.41
C ILE A 219 -3.77 4.98 -1.44
N PHE A 220 -4.38 4.82 -2.60
CA PHE A 220 -5.47 3.85 -2.80
C PHE A 220 -4.96 2.67 -3.61
N ALA A 221 -5.20 1.45 -3.11
CA ALA A 221 -4.81 0.25 -3.81
C ALA A 221 -6.08 -0.44 -4.34
N TYR A 222 -6.17 -0.57 -5.65
CA TYR A 222 -7.36 -1.14 -6.29
C TYR A 222 -7.22 -2.63 -6.55
N GLU A 223 -8.27 -3.39 -6.23
CA GLU A 223 -8.37 -4.82 -6.53
C GLU A 223 -9.85 -5.20 -6.55
N PRO A 224 -10.36 -5.67 -7.72
CA PRO A 224 -11.78 -6.04 -7.83
C PRO A 224 -12.02 -7.28 -6.99
N VAL A 225 -12.81 -7.14 -5.93
CA VAL A 225 -12.99 -8.18 -4.90
C VAL A 225 -13.52 -9.53 -5.41
N TRP A 226 -14.29 -9.49 -6.51
CA TRP A 226 -14.90 -10.67 -7.14
C TRP A 226 -13.92 -11.55 -7.98
N ALA A 227 -12.65 -11.13 -8.09
CA ALA A 227 -11.66 -11.84 -8.94
C ALA A 227 -10.80 -12.93 -8.27
N ILE A 228 -10.57 -12.81 -6.96
CA ILE A 228 -9.89 -13.84 -6.13
C ILE A 228 -8.78 -14.66 -6.82
N ALA A 234 -5.46 -11.35 -13.23
CA ALA A 234 -5.31 -9.91 -13.47
C ALA A 234 -5.65 -9.55 -14.91
N ARG A 235 -6.73 -8.81 -15.11
CA ARG A 235 -7.06 -8.33 -16.44
C ARG A 235 -6.62 -6.88 -16.44
N VAL A 236 -5.64 -6.55 -17.26
CA VAL A 236 -5.11 -5.20 -17.23
C VAL A 236 -6.08 -4.17 -17.86
N ASP A 237 -6.83 -4.58 -18.89
CA ASP A 237 -7.89 -3.77 -19.46
C ASP A 237 -8.88 -3.32 -18.40
N HIS A 238 -9.30 -4.25 -17.54
CA HIS A 238 -10.27 -3.94 -16.50
C HIS A 238 -9.68 -2.98 -15.46
N VAL A 239 -8.50 -3.32 -14.95
CA VAL A 239 -7.78 -2.46 -14.01
C VAL A 239 -7.55 -1.04 -14.55
N GLY A 240 -6.94 -0.92 -15.74
CA GLY A 240 -6.75 0.38 -16.38
C GLY A 240 -8.00 1.23 -16.42
N ALA A 241 -9.11 0.61 -16.87
CA ALA A 241 -10.40 1.30 -16.98
C ALA A 241 -11.01 1.77 -15.66
N VAL A 242 -10.93 0.93 -14.63
CA VAL A 242 -11.49 1.31 -13.34
C VAL A 242 -10.56 2.33 -12.65
N VAL A 243 -9.24 2.13 -12.74
CA VAL A 243 -8.28 3.08 -12.18
C VAL A 243 -8.42 4.46 -12.84
N SER A 244 -8.60 4.50 -14.16
CA SER A 244 -8.81 5.77 -14.82
C SER A 244 -10.10 6.42 -14.28
N GLY A 245 -11.11 5.60 -13.97
CA GLY A 245 -12.34 6.16 -13.39
C GLY A 245 -12.16 6.59 -11.94
N ILE A 246 -11.25 5.91 -11.23
CA ILE A 246 -10.86 6.31 -9.87
C ILE A 246 -10.16 7.67 -9.83
N ARG A 247 -9.19 7.88 -10.70
CA ARG A 247 -8.46 9.16 -10.69
C ARG A 247 -9.41 10.30 -11.04
N SER A 248 -10.38 10.03 -11.94
CA SER A 248 -11.38 11.03 -12.32
C SER A 248 -12.29 11.40 -11.16
N VAL A 249 -12.69 10.37 -10.40
CA VAL A 249 -13.51 10.47 -9.20
C VAL A 249 -12.83 11.36 -8.17
N ILE A 250 -11.54 11.12 -7.92
CA ILE A 250 -10.76 11.89 -6.98
C ILE A 250 -10.64 13.38 -7.40
N GLU A 251 -10.35 13.60 -8.68
CA GLU A 251 -10.27 14.94 -9.22
C GLU A 251 -11.60 15.69 -9.07
N ARG A 252 -12.71 14.98 -9.23
CA ARG A 252 -14.03 15.57 -9.07
C ARG A 252 -14.35 15.93 -7.61
N ILE A 253 -13.94 15.10 -6.65
CA ILE A 253 -14.19 15.37 -5.23
C ILE A 253 -13.30 16.53 -4.77
N ASP A 254 -11.99 16.43 -5.03
CA ASP A 254 -11.06 17.45 -4.59
C ASP A 254 -9.88 17.62 -5.50
N ARG A 255 -10.16 18.25 -6.64
CA ARG A 255 -9.19 18.55 -7.69
C ARG A 255 -7.89 19.18 -7.15
N HIS A 256 -7.99 20.04 -6.15
CA HIS A 256 -6.86 20.92 -5.81
C HIS A 256 -6.21 20.68 -4.44
N ARG A 257 -6.47 19.52 -3.84
CA ARG A 257 -5.92 19.16 -2.54
C ARG A 257 -4.40 19.16 -2.65
N LYS A 258 -3.72 19.65 -1.62
CA LYS A 258 -2.24 19.66 -1.65
C LYS A 258 -1.61 18.29 -1.36
N GLY A 259 -2.30 17.46 -0.61
CA GLY A 259 -1.77 16.13 -0.28
C GLY A 259 -1.76 15.27 -1.54
N GLU A 260 -0.62 14.64 -1.80
CA GLU A 260 -0.55 13.87 -3.03
C GLU A 260 -1.27 12.51 -2.96
N VAL A 261 -1.62 11.99 -4.13
CA VAL A 261 -2.41 10.79 -4.24
C VAL A 261 -1.70 9.80 -5.14
N ARG A 262 -1.71 8.53 -4.75
CA ARG A 262 -1.19 7.48 -5.61
C ARG A 262 -2.20 6.33 -5.69
N ILE A 263 -2.35 5.73 -6.86
CA ILE A 263 -3.24 4.58 -7.01
C ILE A 263 -2.42 3.37 -7.40
N LEU A 264 -2.45 2.33 -6.55
CA LEU A 264 -1.73 1.10 -6.84
C LEU A 264 -2.67 -0.02 -7.26
N TYR A 265 -2.11 -1.06 -7.86
CA TYR A 265 -2.82 -2.32 -8.01
C TYR A 265 -2.66 -3.07 -6.67
N GLY A 266 -3.78 -3.46 -6.06
CA GLY A 266 -3.79 -4.20 -4.79
C GLY A 266 -3.89 -5.71 -4.95
N GLY A 267 -4.17 -6.18 -6.16
CA GLY A 267 -4.24 -7.60 -6.47
C GLY A 267 -2.92 -8.31 -6.35
N SER A 268 -2.92 -9.61 -6.58
CA SER A 268 -1.72 -10.38 -6.35
C SER A 268 -0.94 -10.42 -7.67
N ALA A 269 0.10 -9.60 -7.79
CA ALA A 269 0.75 -9.51 -9.10
C ALA A 269 1.95 -10.44 -9.20
N GLY A 270 2.05 -11.13 -10.33
CA GLY A 270 3.13 -12.07 -10.58
C GLY A 270 4.16 -11.46 -11.49
N PRO A 271 5.32 -12.13 -11.68
CA PRO A 271 6.39 -11.67 -12.60
C PRO A 271 5.83 -11.49 -14.02
N GLY A 272 6.30 -10.44 -14.70
CA GLY A 272 5.86 -10.13 -16.07
C GLY A 272 4.65 -9.23 -16.21
N LEU A 273 3.83 -9.13 -15.18
CA LEU A 273 2.58 -8.36 -15.30
C LEU A 273 2.80 -6.82 -15.43
N TRP A 274 3.76 -6.31 -14.68
CA TRP A 274 4.04 -4.87 -14.66
C TRP A 274 4.50 -4.31 -16.01
N GLY A 275 5.61 -4.82 -16.52
CA GLY A 275 6.16 -4.37 -17.79
C GLY A 275 5.49 -5.08 -18.95
N PRO A 276 5.93 -6.32 -19.22
CA PRO A 276 5.40 -6.99 -20.41
C PRO A 276 3.86 -7.12 -20.43
N GLY A 277 3.23 -7.12 -19.27
CA GLY A 277 1.77 -7.24 -19.20
C GLY A 277 1.05 -5.90 -19.23
N GLY A 278 1.80 -4.81 -19.14
CA GLY A 278 1.28 -3.47 -19.32
C GLY A 278 0.67 -2.86 -18.07
N LEU A 279 0.71 -3.59 -16.96
CA LEU A 279 0.08 -3.11 -15.75
C LEU A 279 0.66 -1.75 -15.32
N GLY A 280 1.98 -1.59 -15.42
CA GLY A 280 2.66 -0.36 -15.01
C GLY A 280 2.24 0.90 -15.76
N LYS A 281 1.59 0.76 -16.93
CA LYS A 281 1.14 1.96 -17.66
C LYS A 281 -0.13 2.55 -17.02
N GLU A 282 -0.75 1.78 -16.12
CA GLU A 282 -2.06 2.12 -15.55
C GLU A 282 -2.06 2.62 -14.11
N VAL A 283 -1.01 2.29 -13.35
CA VAL A 283 -1.02 2.47 -11.90
C VAL A 283 0.33 2.97 -11.41
N ASP A 284 0.36 3.53 -10.21
CA ASP A 284 1.58 4.06 -9.62
C ASP A 284 2.35 3.01 -8.81
N GLY A 285 2.00 1.75 -9.00
CA GLY A 285 2.63 0.66 -8.22
C GLY A 285 1.69 -0.47 -7.97
N MET A 286 2.12 -1.42 -7.14
CA MET A 286 1.41 -2.65 -6.98
C MET A 286 1.85 -3.38 -5.72
N PHE A 287 0.97 -4.26 -5.28
CA PHE A 287 1.30 -5.34 -4.34
C PHE A 287 1.83 -6.54 -5.10
N LEU A 288 2.98 -7.04 -4.63
CA LEU A 288 3.58 -8.25 -5.13
C LEU A 288 2.89 -9.51 -4.56
N GLY A 289 2.64 -10.49 -5.42
CA GLY A 289 2.00 -11.74 -4.99
C GLY A 289 2.98 -12.59 -4.20
N ARG A 290 2.58 -13.83 -3.90
CA ARG A 290 3.31 -14.66 -2.98
C ARG A 290 4.66 -15.12 -3.53
N PHE A 291 4.90 -15.02 -4.84
CA PHE A 291 6.23 -15.27 -5.39
C PHE A 291 7.29 -14.41 -4.64
N ALA A 292 6.83 -13.29 -4.11
CA ALA A 292 7.71 -12.33 -3.48
C ALA A 292 8.22 -12.78 -2.11
N HIS A 293 7.79 -13.96 -1.65
CA HIS A 293 8.28 -14.55 -0.40
C HIS A 293 9.71 -15.03 -0.54
N ASP A 294 10.13 -15.26 -1.78
CA ASP A 294 11.49 -15.52 -2.10
C ASP A 294 12.11 -14.18 -2.55
N ILE A 295 13.20 -13.83 -1.87
CA ILE A 295 14.02 -12.67 -2.12
C ILE A 295 14.44 -12.55 -3.58
N GLU A 296 14.83 -13.67 -4.21
CA GLU A 296 15.18 -13.67 -5.63
C GLU A 296 14.02 -13.25 -6.49
N GLY A 297 12.80 -13.60 -6.10
CA GLY A 297 11.59 -13.10 -6.78
C GLY A 297 11.48 -11.58 -6.73
N VAL A 298 11.73 -11.01 -5.56
CA VAL A 298 11.67 -9.56 -5.37
C VAL A 298 12.72 -8.90 -6.24
N ARG A 299 13.94 -9.44 -6.20
CA ARG A 299 15.03 -8.98 -7.04
C ARG A 299 14.59 -8.96 -8.52
N LYS A 300 13.96 -10.04 -8.98
CA LYS A 300 13.51 -10.15 -10.38
C LYS A 300 12.48 -9.07 -10.74
N VAL A 301 11.57 -8.78 -9.80
CA VAL A 301 10.54 -7.82 -10.10
C VAL A 301 11.07 -6.36 -10.07
N VAL A 302 12.01 -6.06 -9.17
CA VAL A 302 12.68 -4.73 -9.19
C VAL A 302 13.38 -4.46 -10.54
N ARG A 303 14.03 -5.47 -11.07
CA ARG A 303 14.65 -5.40 -12.39
C ARG A 303 13.58 -5.11 -13.46
N GLU A 304 12.47 -5.86 -13.43
CA GLU A 304 11.34 -5.61 -14.33
C GLU A 304 10.92 -4.15 -14.25
N VAL A 305 10.82 -3.62 -13.04
CA VAL A 305 10.28 -2.28 -12.83
C VAL A 305 11.27 -1.20 -13.35
N GLU A 306 12.55 -1.39 -13.06
CA GLU A 306 13.64 -0.55 -13.57
C GLU A 306 13.59 -0.48 -15.09
N GLU A 307 13.36 -1.62 -15.72
CA GLU A 307 13.35 -1.67 -17.18
C GLU A 307 12.19 -0.89 -17.75
N SER A 308 11.04 -0.94 -17.09
CA SER A 308 9.85 -0.21 -17.53
C SER A 308 9.96 1.32 -17.41
N LEU A 309 10.90 1.82 -16.60
CA LEU A 309 11.00 3.26 -16.35
C LEU A 309 11.96 3.96 -17.31
#